data_7O25
#
_entry.id   7O25
#
_cell.length_a   63.410
_cell.length_b   81.700
_cell.length_c   70.530
_cell.angle_alpha   90.000
_cell.angle_beta   90.000
_cell.angle_gamma   90.000
#
_symmetry.space_group_name_H-M   'P 21 21 2'
#
loop_
_entity.id
_entity.type
_entity.pdbx_description
1 polymer '[FeFe] hydrogenase maturase subunit HydE'
2 non-polymer CYSTEINE
3 non-polymer 'FE (II) ION'
4 non-polymer 'CARBON MONOXIDE'
5 non-polymer 'CYANIDE ION'
6 non-polymer 'PYRUVIC ACID'
7 non-polymer S-ADENOSYLMETHIONINE
8 non-polymer METHIONINE
9 non-polymer GLYCEROL
10 non-polymer 3-[(3-CHOLAMIDOPROPYL)DIMETHYLAMMONIO]-1-PROPANESULFONATE
11 non-polymer S-adenosyl-L-cysteine
12 non-polymer TRIS(HYDROXYETHYL)AMINOMETHANE
13 non-polymer 1,2-ETHANEDIOL
14 non-polymer 'IRON/SULFUR CLUSTER'
15 non-polymer 'PHOSPHATE ION'
16 non-polymer 'CHLORIDE ION'
17 water water
#
_entity_poly.entity_id   1
_entity_poly.type   'polypeptide(L)'
_entity_poly.pdbx_seq_one_letter_code
;MWSHPQFEKASTGREILEKLERREFTREVLKEALSINDRGFNEALFKLADEIRRKYVGDEVHIRAIIEFSNVCRKNCLYC
GLRRDNKNLKRYRMTPEEIVERARLAVQFGAKTIVLQSGEDPYYMPDVISDIVKEIKKMGVAVTLSLGEWPREYYEKWKE
AGADRYLLRHETANPVLHRKLRPDTSFENRLNCLLTLKELGYETGAGSMVGLPGQTIDDLVDDLLFLKEHDFDMVGIGPF
IPHPDTPLANEKKGDFTLTLKMVALTRILLPDSNIPATTAMGTIVPGGREITLRCGANVIMPNWTPSPYRQLYQLYPGKI
SVFEKDTASIPSVMKMIELLGRKPGRDWGGRKRVFETV
;
_entity_poly.pdbx_strand_id   A
#
# COMPACT_ATOMS: atom_id res chain seq x y z
N MET A 1 -21.24 -23.31 -40.68
CA MET A 1 -20.93 -22.46 -39.52
C MET A 1 -22.18 -21.93 -38.84
N TRP A 2 -22.12 -21.83 -37.52
CA TRP A 2 -23.23 -21.47 -36.67
C TRP A 2 -22.87 -20.22 -35.87
N SER A 3 -23.84 -19.69 -35.13
CA SER A 3 -23.65 -18.44 -34.40
C SER A 3 -22.89 -18.66 -33.10
N HIS A 4 -22.48 -17.55 -32.47
CA HIS A 4 -21.68 -17.62 -31.25
C HIS A 4 -22.12 -16.53 -30.26
N PRO A 5 -23.31 -16.66 -29.69
CA PRO A 5 -23.82 -15.61 -28.81
C PRO A 5 -23.14 -15.65 -27.45
N GLN A 6 -23.14 -14.50 -26.81
CA GLN A 6 -22.59 -14.31 -25.48
C GLN A 6 -23.63 -14.68 -24.42
N PHE A 7 -23.13 -15.04 -23.25
CA PHE A 7 -24.00 -15.37 -22.13
C PHE A 7 -24.52 -14.10 -21.45
N GLU A 8 -25.69 -14.22 -20.84
CA GLU A 8 -26.27 -13.12 -20.06
C GLU A 8 -25.35 -12.65 -18.93
N LYS A 9 -25.33 -11.33 -18.72
CA LYS A 9 -24.39 -10.72 -17.78
C LYS A 9 -24.63 -11.12 -16.32
N ALA A 10 -25.88 -11.06 -15.82
CA ALA A 10 -26.06 -11.34 -14.39
C ALA A 10 -25.70 -12.79 -14.06
N SER A 11 -26.09 -13.72 -14.92
CA SER A 11 -25.78 -15.11 -14.61
C SER A 11 -24.28 -15.36 -14.71
N THR A 12 -23.61 -14.77 -15.70
CA THR A 12 -22.15 -14.84 -15.75
C THR A 12 -21.55 -14.27 -14.46
N GLY A 13 -22.06 -13.12 -14.01
CA GLY A 13 -21.61 -12.58 -12.74
C GLY A 13 -21.81 -13.55 -11.59
N ARG A 14 -23.00 -14.17 -11.50
CA ARG A 14 -23.25 -15.13 -10.44
C ARG A 14 -22.33 -16.33 -10.56
N GLU A 15 -22.04 -16.74 -11.78
CA GLU A 15 -21.10 -17.86 -11.98
C GLU A 15 -19.68 -17.48 -11.57
N ILE A 16 -19.24 -16.26 -11.86
CA ILE A 16 -17.93 -15.80 -11.39
C ILE A 16 -17.89 -15.76 -9.86
N LEU A 17 -18.94 -15.24 -9.22
CA LEU A 17 -18.98 -15.20 -7.77
C LEU A 17 -18.92 -16.60 -7.17
N GLU A 18 -19.62 -17.58 -7.77
CA GLU A 18 -19.53 -18.96 -7.30
C GLU A 18 -18.10 -19.49 -7.43
N LYS A 19 -17.43 -19.20 -8.54
CA LYS A 19 -16.05 -19.63 -8.71
C LYS A 19 -15.14 -18.99 -7.67
N LEU A 20 -15.39 -17.72 -7.32
CA LEU A 20 -14.53 -17.08 -6.33
C LEU A 20 -14.81 -17.67 -4.94
N GLU A 21 -16.08 -17.94 -4.64
CA GLU A 21 -16.42 -18.53 -3.34
C GLU A 21 -15.83 -19.93 -3.21
N ARG A 22 -15.80 -20.70 -4.30
CA ARG A 22 -15.16 -22.01 -4.38
C ARG A 22 -13.64 -21.93 -4.54
N ARG A 23 -13.10 -20.73 -4.66
CA ARG A 23 -11.65 -20.51 -4.69
C ARG A 23 -11.00 -21.11 -5.94
N GLU A 24 -11.70 -20.99 -7.08
CA GLU A 24 -11.18 -21.44 -8.38
C GLU A 24 -10.62 -20.22 -9.10
N PHE A 25 -9.37 -19.90 -8.80
CA PHE A 25 -8.79 -18.61 -9.17
C PHE A 25 -8.04 -18.67 -10.51
N THR A 26 -8.76 -19.04 -11.55
CA THR A 26 -8.10 -19.07 -12.84
C THR A 26 -7.97 -17.65 -13.40
N ARG A 27 -7.07 -17.51 -14.36
CA ARG A 27 -6.87 -16.21 -15.00
C ARG A 27 -8.16 -15.70 -15.65
N GLU A 28 -8.94 -16.59 -16.29
CA GLU A 28 -10.18 -16.20 -16.94
C GLU A 28 -11.19 -15.67 -15.90
N VAL A 29 -11.24 -16.32 -14.74
CA VAL A 29 -12.15 -15.89 -13.67
C VAL A 29 -11.76 -14.51 -13.16
N LEU A 30 -10.47 -14.31 -12.90
CA LEU A 30 -10.05 -13.02 -12.35
C LEU A 30 -10.23 -11.93 -13.39
N LYS A 31 -9.92 -12.23 -14.65
CA LYS A 31 -10.11 -11.24 -15.70
C LYS A 31 -11.57 -10.85 -15.80
N GLU A 32 -12.48 -11.84 -15.77
CA GLU A 32 -13.88 -11.50 -15.88
C GLU A 32 -14.35 -10.71 -14.67
N ALA A 33 -13.88 -11.06 -13.48
CA ALA A 33 -14.27 -10.30 -12.31
C ALA A 33 -13.85 -8.84 -12.44
N LEU A 34 -12.64 -8.58 -12.94
CA LEU A 34 -12.19 -7.20 -13.10
C LEU A 34 -12.91 -6.49 -14.25
N SER A 35 -13.40 -7.23 -15.23
CA SER A 35 -13.97 -6.65 -16.44
C SER A 35 -15.45 -6.33 -16.33
N ILE A 36 -16.20 -7.05 -15.50
CA ILE A 36 -17.63 -6.81 -15.37
C ILE A 36 -17.86 -5.42 -14.79
N ASN A 37 -18.79 -4.65 -15.36
N ASN A 37 -18.68 -4.63 -15.46
CA ASN A 37 -19.02 -3.26 -14.97
CA ASN A 37 -19.08 -3.31 -15.01
C ASN A 37 -20.32 -3.03 -14.18
C ASN A 37 -20.57 -3.35 -14.71
N ASP A 38 -20.92 -4.08 -13.65
CA ASP A 38 -22.28 -4.06 -13.12
C ASP A 38 -22.19 -3.77 -11.63
N ARG A 39 -22.88 -2.72 -11.18
CA ARG A 39 -22.84 -2.30 -9.77
C ARG A 39 -23.23 -3.42 -8.84
N GLY A 40 -24.16 -4.28 -9.25
CA GLY A 40 -24.60 -5.35 -8.37
C GLY A 40 -23.58 -6.48 -8.25
N PHE A 41 -22.92 -6.83 -9.34
CA PHE A 41 -21.81 -7.75 -9.24
C PHE A 41 -20.74 -7.17 -8.33
N ASN A 42 -20.37 -5.90 -8.56
CA ASN A 42 -19.31 -5.30 -7.76
C ASN A 42 -19.66 -5.31 -6.28
N GLU A 43 -20.91 -4.98 -5.95
CA GLU A 43 -21.30 -4.96 -4.54
C GLU A 43 -21.19 -6.35 -3.93
N ALA A 44 -21.61 -7.39 -4.68
CA ALA A 44 -21.46 -8.77 -4.20
C ALA A 44 -19.99 -9.13 -3.99
N LEU A 45 -19.11 -8.72 -4.92
CA LEU A 45 -17.68 -8.96 -4.75
C LEU A 45 -17.15 -8.28 -3.50
N PHE A 46 -17.53 -7.03 -3.28
CA PHE A 46 -17.08 -6.31 -2.08
C PHE A 46 -17.59 -7.00 -0.81
N LYS A 47 -18.85 -7.45 -0.81
CA LYS A 47 -19.39 -8.15 0.35
C LYS A 47 -18.68 -9.49 0.60
N LEU A 48 -18.29 -10.21 -0.45
CA LEU A 48 -17.51 -11.42 -0.27
C LEU A 48 -16.16 -11.11 0.35
N ALA A 49 -15.45 -10.13 -0.19
CA ALA A 49 -14.18 -9.74 0.41
C ALA A 49 -14.36 -9.31 1.86
N ASP A 50 -15.39 -8.51 2.14
CA ASP A 50 -15.62 -8.07 3.51
C ASP A 50 -15.89 -9.25 4.42
N GLU A 51 -16.64 -10.25 3.94
CA GLU A 51 -16.89 -11.42 4.76
C GLU A 51 -15.60 -12.16 5.07
N ILE A 52 -14.75 -12.32 4.07
CA ILE A 52 -13.49 -13.01 4.31
CA ILE A 52 -13.47 -12.99 4.29
C ILE A 52 -12.62 -12.22 5.28
N ARG A 53 -12.61 -10.88 5.13
CA ARG A 53 -11.87 -10.04 6.07
C ARG A 53 -12.37 -10.26 7.49
N ARG A 54 -13.71 -10.25 7.68
CA ARG A 54 -14.26 -10.42 9.03
C ARG A 54 -13.82 -11.74 9.63
N LYS A 55 -13.79 -12.81 8.81
CA LYS A 55 -13.52 -14.13 9.34
C LYS A 55 -12.05 -14.37 9.63
N TYR A 56 -11.13 -13.79 8.84
CA TYR A 56 -9.74 -14.16 8.95
C TYR A 56 -8.81 -13.09 9.52
N VAL A 57 -9.20 -11.82 9.51
CA VAL A 57 -8.45 -10.78 10.23
C VAL A 57 -9.29 -10.01 11.22
N GLY A 58 -10.60 -10.27 11.29
CA GLY A 58 -11.41 -9.73 12.40
C GLY A 58 -11.71 -8.24 12.22
N ASP A 59 -12.08 -7.60 13.34
CA ASP A 59 -12.64 -6.25 13.29
CA ASP A 59 -12.61 -6.25 13.21
C ASP A 59 -11.63 -5.18 13.62
N GLU A 60 -10.43 -5.55 14.05
CA GLU A 60 -9.43 -4.53 14.38
C GLU A 60 -8.89 -3.88 13.12
N VAL A 61 -8.85 -2.54 13.13
CA VAL A 61 -8.17 -1.76 12.06
C VAL A 61 -6.85 -1.29 12.64
N HIS A 62 -5.76 -1.80 12.11
CA HIS A 62 -4.44 -1.48 12.67
C HIS A 62 -3.93 -0.15 12.17
N ILE A 63 -3.41 0.65 13.06
CA ILE A 63 -2.93 1.98 12.73
C ILE A 63 -1.42 1.94 12.59
N ARG A 64 -0.92 2.34 11.43
CA ARG A 64 0.51 2.40 11.21
C ARG A 64 0.84 3.86 10.93
N ALA A 65 1.54 4.55 11.84
CA ALA A 65 1.77 5.98 11.65
C ALA A 65 2.99 6.15 10.76
N ILE A 66 2.86 6.87 9.65
CA ILE A 66 3.94 7.03 8.66
CA ILE A 66 3.97 6.99 8.72
C ILE A 66 4.70 8.32 8.90
N ILE A 67 6.01 8.25 8.98
CA ILE A 67 6.84 9.46 8.97
C ILE A 67 7.66 9.42 7.70
N GLU A 68 7.39 10.39 6.84
CA GLU A 68 8.04 10.49 5.52
C GLU A 68 9.22 11.42 5.73
N PHE A 69 10.38 10.85 6.05
CA PHE A 69 11.42 11.63 6.71
C PHE A 69 12.41 12.31 5.76
N SER A 70 12.38 11.97 4.48
CA SER A 70 13.18 12.66 3.47
C SER A 70 12.46 12.49 2.15
N ASN A 71 12.42 13.57 1.35
CA ASN A 71 11.87 13.45 0.01
C ASN A 71 12.98 13.48 -1.05
N VAL A 72 14.21 13.23 -0.65
CA VAL A 72 15.34 13.14 -1.59
C VAL A 72 15.33 11.75 -2.19
N CYS A 73 15.46 11.66 -3.52
CA CYS A 73 15.49 10.36 -4.18
C CYS A 73 16.49 10.36 -5.32
N ARG A 74 17.31 9.31 -5.34
CA ARG A 74 18.25 9.11 -6.44
C ARG A 74 17.62 8.53 -7.70
N LYS A 75 16.39 8.03 -7.64
CA LYS A 75 15.71 7.43 -8.79
C LYS A 75 14.84 8.45 -9.51
N ASN A 76 14.26 8.01 -10.62
CA ASN A 76 13.58 8.92 -11.55
C ASN A 76 12.28 8.31 -12.07
N CYS A 77 11.55 7.58 -11.21
CA CYS A 77 10.32 6.92 -11.66
C CYS A 77 9.40 7.94 -12.33
N LEU A 78 8.81 7.54 -13.48
CA LEU A 78 8.09 8.50 -14.31
C LEU A 78 6.81 8.99 -13.65
N TYR A 79 6.24 8.20 -12.74
CA TYR A 79 4.97 8.55 -12.10
C TYR A 79 5.15 9.42 -10.88
N CYS A 80 6.34 9.52 -10.29
CA CYS A 80 6.47 9.97 -8.91
C CYS A 80 6.90 11.43 -8.85
N GLY A 81 6.22 12.23 -8.02
CA GLY A 81 6.64 13.62 -7.87
C GLY A 81 8.01 13.80 -7.24
N LEU A 82 8.54 12.77 -6.57
CA LEU A 82 9.85 12.91 -5.96
C LEU A 82 10.98 12.56 -6.91
N ARG A 83 10.66 12.14 -8.13
CA ARG A 83 11.73 11.77 -9.07
C ARG A 83 12.79 12.85 -9.14
N ARG A 84 14.03 12.43 -9.31
CA ARG A 84 15.14 13.37 -9.21
C ARG A 84 15.06 14.49 -10.26
N ASP A 85 14.42 14.24 -11.40
CA ASP A 85 14.33 15.28 -12.42
C ASP A 85 13.29 16.36 -12.11
N ASN A 86 12.50 16.24 -11.07
CA ASN A 86 11.55 17.29 -10.71
C ASN A 86 12.27 18.34 -9.89
N LYS A 87 12.69 19.41 -10.56
CA LYS A 87 13.35 20.52 -9.90
C LYS A 87 12.38 21.51 -9.27
N ASN A 88 11.06 21.37 -9.45
N ASN A 88 11.06 21.35 -9.49
CA ASN A 88 10.12 22.32 -8.87
CA ASN A 88 10.01 22.21 -8.96
C ASN A 88 9.97 22.15 -7.36
C ASN A 88 9.50 21.74 -7.60
N LEU A 89 10.32 21.00 -6.84
N LEU A 89 10.35 21.11 -6.81
CA LEU A 89 9.96 20.60 -5.50
CA LEU A 89 9.97 20.62 -5.49
C LEU A 89 11.08 20.95 -4.53
N LYS A 90 10.73 21.59 -3.40
CA LYS A 90 11.73 21.82 -2.37
C LYS A 90 12.04 20.51 -1.65
N ARG A 91 13.30 20.19 -1.50
CA ARG A 91 13.70 18.94 -0.88
C ARG A 91 14.03 19.17 0.60
N TYR A 92 13.85 18.13 1.39
CA TYR A 92 14.10 18.17 2.82
C TYR A 92 14.66 16.84 3.29
N ARG A 93 15.33 16.89 4.45
CA ARG A 93 15.72 15.73 5.25
C ARG A 93 15.48 16.04 6.70
N MET A 94 14.87 15.10 7.41
CA MET A 94 14.73 15.27 8.86
C MET A 94 15.94 14.69 9.59
N THR A 95 16.29 15.31 10.69
CA THR A 95 17.38 14.75 11.46
C THR A 95 16.94 13.49 12.19
N PRO A 96 17.89 12.65 12.63
CA PRO A 96 17.48 11.50 13.47
C PRO A 96 16.72 11.93 14.72
N GLU A 97 17.13 13.03 15.36
CA GLU A 97 16.41 13.52 16.53
C GLU A 97 14.97 13.87 16.20
N GLU A 98 14.76 14.58 15.07
CA GLU A 98 13.39 14.93 14.69
C GLU A 98 12.57 13.67 14.49
N ILE A 99 13.14 12.68 13.81
CA ILE A 99 12.41 11.46 13.47
C ILE A 99 12.06 10.68 14.72
N VAL A 100 13.04 10.46 15.59
CA VAL A 100 12.79 9.70 16.80
C VAL A 100 11.77 10.40 17.69
N GLU A 101 11.91 11.71 17.88
CA GLU A 101 10.96 12.40 18.75
C GLU A 101 9.56 12.43 18.16
N ARG A 102 9.46 12.54 16.85
CA ARG A 102 8.15 12.50 16.19
C ARG A 102 7.53 11.13 16.31
N ALA A 103 8.34 10.09 16.22
CA ALA A 103 7.83 8.73 16.41
C ALA A 103 7.38 8.54 17.84
N ARG A 104 8.12 9.08 18.82
CA ARG A 104 7.70 8.97 20.21
C ARG A 104 6.33 9.58 20.41
N LEU A 105 6.07 10.73 19.76
CA LEU A 105 4.75 11.34 19.91
C LEU A 105 3.66 10.47 19.30
N ALA A 106 3.91 9.86 18.14
CA ALA A 106 2.89 8.97 17.57
C ALA A 106 2.62 7.80 18.51
N VAL A 107 3.67 7.23 19.11
CA VAL A 107 3.48 6.13 20.06
C VAL A 107 2.61 6.58 21.23
N GLN A 108 2.86 7.80 21.72
CA GLN A 108 2.06 8.33 22.83
C GLN A 108 0.60 8.58 22.43
N PHE A 109 0.35 8.94 21.18
CA PHE A 109 -0.99 9.09 20.65
C PHE A 109 -1.63 7.74 20.35
N GLY A 110 -0.88 6.65 20.48
CA GLY A 110 -1.46 5.31 20.40
C GLY A 110 -1.12 4.48 19.17
N ALA A 111 -0.25 4.95 18.25
CA ALA A 111 0.14 4.12 17.13
C ALA A 111 0.96 2.95 17.64
N LYS A 112 0.68 1.75 17.12
CA LYS A 112 1.43 0.58 17.56
C LYS A 112 2.48 0.13 16.56
N THR A 113 2.49 0.76 15.39
CA THR A 113 3.53 0.56 14.39
C THR A 113 3.95 1.93 13.89
N ILE A 114 5.26 2.14 13.72
CA ILE A 114 5.79 3.34 13.07
C ILE A 114 6.34 2.88 11.72
N VAL A 115 5.94 3.56 10.65
CA VAL A 115 6.44 3.30 9.30
C VAL A 115 7.39 4.44 8.95
N LEU A 116 8.64 4.11 8.63
CA LEU A 116 9.60 5.11 8.17
C LEU A 116 9.69 4.97 6.65
N GLN A 117 9.29 6.01 5.92
CA GLN A 117 9.31 5.98 4.46
C GLN A 117 10.09 7.17 3.95
N SER A 118 10.78 6.96 2.83
CA SER A 118 11.50 8.06 2.23
C SER A 118 11.72 7.80 0.74
N GLY A 119 12.18 8.84 0.06
CA GLY A 119 12.87 8.59 -1.21
C GLY A 119 14.13 7.75 -0.95
N GLU A 120 14.71 7.24 -2.03
CA GLU A 120 15.97 6.53 -1.92
C GLU A 120 17.09 7.56 -1.71
N ASP A 121 17.29 7.92 -0.45
CA ASP A 121 18.17 9.00 -0.05
C ASP A 121 19.43 8.38 0.54
N PRO A 122 20.56 8.41 -0.20
CA PRO A 122 21.77 7.77 0.31
C PRO A 122 22.30 8.34 1.61
N TYR A 123 21.92 9.55 2.00
CA TYR A 123 22.46 10.11 3.23
C TYR A 123 22.33 9.14 4.40
N TYR A 124 21.17 8.47 4.51
CA TYR A 124 20.87 7.74 5.74
C TYR A 124 21.39 6.32 5.75
N MET A 125 21.93 5.83 4.62
CA MET A 125 21.98 4.38 4.39
C MET A 125 23.38 3.85 4.57
N PRO A 126 23.61 2.83 5.40
CA PRO A 126 22.62 2.12 6.23
C PRO A 126 22.57 2.56 7.69
N ASP A 127 23.60 3.26 8.17
CA ASP A 127 23.82 3.34 9.61
C ASP A 127 22.86 4.31 10.29
N VAL A 128 22.47 5.40 9.63
CA VAL A 128 21.57 6.33 10.30
C VAL A 128 20.21 5.66 10.50
N ILE A 129 19.75 4.89 9.51
CA ILE A 129 18.49 4.14 9.66
C ILE A 129 18.60 3.16 10.82
N SER A 130 19.72 2.43 10.92
CA SER A 130 19.86 1.46 12.02
C SER A 130 19.74 2.14 13.37
N ASP A 131 20.39 3.29 13.52
CA ASP A 131 20.33 4.00 14.79
C ASP A 131 18.90 4.39 15.11
N ILE A 132 18.19 4.94 14.14
CA ILE A 132 16.82 5.39 14.33
C ILE A 132 15.92 4.21 14.70
N VAL A 133 16.06 3.10 13.98
CA VAL A 133 15.27 1.91 14.24
C VAL A 133 15.49 1.41 15.67
N LYS A 134 16.75 1.33 16.10
CA LYS A 134 17.04 0.89 17.47
C LYS A 134 16.32 1.78 18.48
N GLU A 135 16.31 3.09 18.24
CA GLU A 135 15.66 4.00 19.19
C GLU A 135 14.15 3.78 19.22
N ILE A 136 13.53 3.61 18.05
CA ILE A 136 12.08 3.46 18.05
C ILE A 136 11.67 2.11 18.63
N LYS A 137 12.48 1.07 18.41
CA LYS A 137 12.11 -0.23 18.96
C LYS A 137 12.08 -0.20 20.49
N LYS A 138 12.86 0.69 21.12
CA LYS A 138 12.82 0.84 22.57
C LYS A 138 11.47 1.34 23.05
N MET A 139 10.65 1.90 22.17
CA MET A 139 9.35 2.45 22.54
C MET A 139 8.28 1.38 22.61
N GLY A 140 8.57 0.13 22.30
CA GLY A 140 7.59 -0.92 22.48
C GLY A 140 6.63 -1.11 21.31
N VAL A 141 7.00 -0.67 20.12
CA VAL A 141 6.14 -0.73 18.95
C VAL A 141 6.84 -1.52 17.84
N ALA A 142 6.08 -1.86 16.81
CA ALA A 142 6.66 -2.44 15.60
C ALA A 142 7.22 -1.33 14.72
N VAL A 143 8.27 -1.67 13.97
CA VAL A 143 8.84 -0.74 12.99
C VAL A 143 8.75 -1.35 11.60
N THR A 144 8.22 -0.57 10.66
CA THR A 144 8.16 -0.94 9.25
C THR A 144 9.02 0.05 8.49
N LEU A 145 9.85 -0.45 7.57
CA LEU A 145 10.67 0.42 6.73
C LEU A 145 10.12 0.40 5.31
N SER A 146 10.21 1.54 4.63
CA SER A 146 9.79 1.63 3.22
C SER A 146 10.77 2.61 2.56
N LEU A 147 11.96 2.11 2.25
CA LEU A 147 13.08 2.93 1.83
C LEU A 147 13.54 2.60 0.42
N GLY A 148 12.87 1.70 -0.28
CA GLY A 148 13.31 1.40 -1.67
C GLY A 148 14.27 0.23 -1.74
N GLU A 149 14.98 0.18 -2.87
CA GLU A 149 15.87 -0.94 -3.24
C GLU A 149 17.29 -0.68 -2.76
N TRP A 150 17.80 -1.56 -1.91
CA TRP A 150 19.12 -1.42 -1.31
C TRP A 150 19.80 -2.79 -1.30
N PRO A 151 21.12 -2.82 -1.07
CA PRO A 151 21.83 -4.10 -1.02
C PRO A 151 21.33 -4.97 0.12
N ARG A 152 21.48 -6.28 -0.08
CA ARG A 152 21.13 -7.23 0.97
CA ARG A 152 21.13 -7.23 0.97
C ARG A 152 21.78 -6.87 2.30
N GLU A 153 23.03 -6.45 2.27
CA GLU A 153 23.73 -6.06 3.50
C GLU A 153 22.97 -5.01 4.29
N TYR A 154 22.34 -4.06 3.60
CA TYR A 154 21.61 -3.01 4.32
C TYR A 154 20.36 -3.59 4.93
N TYR A 155 19.61 -4.39 4.16
CA TYR A 155 18.42 -5.02 4.73
C TYR A 155 18.77 -5.89 5.94
N GLU A 156 19.92 -6.56 5.89
CA GLU A 156 20.38 -7.38 7.01
CA GLU A 156 20.34 -7.38 7.02
C GLU A 156 20.67 -6.52 8.24
N LYS A 157 21.39 -5.42 8.03
CA LYS A 157 21.69 -4.52 9.15
C LYS A 157 20.41 -3.99 9.78
N TRP A 158 19.40 -3.68 8.97
CA TRP A 158 18.18 -3.10 9.51
C TRP A 158 17.36 -4.15 10.24
N LYS A 159 17.42 -5.40 9.80
CA LYS A 159 16.74 -6.47 10.54
C LYS A 159 17.41 -6.68 11.91
N GLU A 160 18.74 -6.70 11.92
CA GLU A 160 19.48 -6.84 13.18
C GLU A 160 19.22 -5.66 14.10
N ALA A 161 18.99 -4.47 13.53
CA ALA A 161 18.66 -3.29 14.35
C ALA A 161 17.26 -3.39 14.92
N GLY A 162 16.42 -4.30 14.40
CA GLY A 162 15.12 -4.53 15.00
C GLY A 162 13.96 -4.23 14.09
N ALA A 163 14.13 -3.88 12.83
CA ALA A 163 12.98 -3.64 11.97
C ALA A 163 12.15 -4.92 11.84
N ASP A 164 10.84 -4.76 11.85
CA ASP A 164 9.92 -5.89 11.79
C ASP A 164 9.41 -6.18 10.38
N ARG A 165 9.14 -5.12 9.62
CA ARG A 165 8.44 -5.26 8.35
C ARG A 165 9.11 -4.36 7.32
N TYR A 166 8.85 -4.68 6.05
CA TYR A 166 9.36 -3.84 4.98
C TYR A 166 8.32 -3.76 3.88
N LEU A 167 7.98 -2.53 3.46
CA LEU A 167 6.99 -2.31 2.41
CA LEU A 167 7.00 -2.30 2.40
C LEU A 167 7.75 -1.90 1.15
N LEU A 168 7.63 -2.72 0.09
CA LEU A 168 8.32 -2.47 -1.18
C LEU A 168 7.29 -2.85 -2.25
N ARG A 169 6.41 -1.91 -2.55
CA ARG A 169 5.37 -2.21 -3.53
CA ARG A 169 5.37 -2.18 -3.56
C ARG A 169 6.02 -2.62 -4.85
N HIS A 170 5.50 -3.69 -5.45
CA HIS A 170 6.13 -4.15 -6.70
C HIS A 170 5.77 -3.26 -7.90
N GLU A 171 4.76 -2.40 -7.76
CA GLU A 171 4.34 -1.36 -8.69
C GLU A 171 3.58 -1.88 -9.91
N THR A 172 4.25 -2.76 -10.67
CA THR A 172 3.64 -3.48 -11.78
C THR A 172 4.45 -4.74 -11.99
N ALA A 173 3.75 -5.85 -12.21
CA ALA A 173 4.41 -7.12 -12.45
C ALA A 173 4.76 -7.28 -13.92
N ASN A 174 4.40 -6.33 -14.77
CA ASN A 174 4.75 -6.44 -16.20
C ASN A 174 6.18 -5.93 -16.34
N PRO A 175 7.15 -6.76 -16.73
CA PRO A 175 8.55 -6.30 -16.68
C PRO A 175 8.88 -5.29 -17.75
N VAL A 176 8.19 -5.32 -18.89
CA VAL A 176 8.37 -4.31 -19.91
C VAL A 176 7.88 -2.95 -19.42
N LEU A 177 6.64 -2.91 -18.91
CA LEU A 177 6.13 -1.67 -18.36
C LEU A 177 6.96 -1.21 -17.16
N HIS A 178 7.38 -2.14 -16.30
CA HIS A 178 8.15 -1.75 -15.13
C HIS A 178 9.38 -0.96 -15.53
N ARG A 179 10.11 -1.45 -16.55
CA ARG A 179 11.34 -0.76 -16.94
C ARG A 179 11.05 0.56 -17.61
N LYS A 180 9.96 0.65 -18.38
CA LYS A 180 9.60 1.93 -18.98
CA LYS A 180 9.60 1.93 -18.98
C LYS A 180 9.27 2.97 -17.92
N LEU A 181 8.59 2.56 -16.85
CA LEU A 181 8.19 3.55 -15.84
C LEU A 181 9.23 3.78 -14.77
N ARG A 182 10.19 2.87 -14.61
CA ARG A 182 11.17 2.90 -13.52
C ARG A 182 12.53 2.70 -14.21
N PRO A 183 13.02 3.72 -14.92
CA PRO A 183 14.14 3.53 -15.86
C PRO A 183 15.46 3.25 -15.19
N ASP A 184 15.57 3.40 -13.87
CA ASP A 184 16.77 3.11 -13.11
C ASP A 184 16.91 1.64 -12.75
N THR A 185 15.89 0.84 -12.94
CA THR A 185 15.88 -0.47 -12.34
C THR A 185 15.00 -1.42 -13.15
N SER A 186 14.46 -2.45 -12.53
CA SER A 186 13.76 -3.50 -13.29
C SER A 186 12.87 -4.27 -12.34
N PHE A 187 11.88 -4.95 -12.92
CA PHE A 187 11.07 -5.83 -12.09
C PHE A 187 11.93 -6.92 -11.47
N GLU A 188 12.91 -7.44 -12.21
CA GLU A 188 13.78 -8.46 -11.62
C GLU A 188 14.50 -7.96 -10.38
N ASN A 189 15.03 -6.73 -10.39
CA ASN A 189 15.63 -6.17 -9.18
CA ASN A 189 15.64 -6.27 -9.17
C ASN A 189 14.61 -6.08 -8.06
N ARG A 190 13.44 -5.55 -8.38
CA ARG A 190 12.40 -5.35 -7.36
C ARG A 190 12.03 -6.67 -6.70
N LEU A 191 11.81 -7.72 -7.51
CA LEU A 191 11.49 -9.05 -7.00
C LEU A 191 12.66 -9.61 -6.18
N ASN A 192 13.90 -9.40 -6.65
CA ASN A 192 15.02 -9.89 -5.86
C ASN A 192 15.04 -9.26 -4.48
N CYS A 193 14.78 -7.95 -4.40
CA CYS A 193 14.67 -7.28 -3.10
C CYS A 193 13.58 -7.92 -2.25
N LEU A 194 12.38 -8.10 -2.83
CA LEU A 194 11.28 -8.73 -2.08
C LEU A 194 11.67 -10.11 -1.56
N LEU A 195 12.31 -10.95 -2.41
CA LEU A 195 12.69 -12.29 -1.96
C LEU A 195 13.75 -12.23 -0.88
N THR A 196 14.68 -11.25 -0.98
CA THR A 196 15.69 -11.11 0.07
C THR A 196 15.03 -10.72 1.39
N LEU A 197 14.13 -9.74 1.35
CA LEU A 197 13.42 -9.34 2.56
C LEU A 197 12.68 -10.51 3.20
N LYS A 198 12.00 -11.33 2.40
CA LYS A 198 11.33 -12.51 2.97
C LYS A 198 12.33 -13.49 3.59
N GLU A 199 13.44 -13.74 2.90
CA GLU A 199 14.43 -14.68 3.42
C GLU A 199 15.02 -14.17 4.74
N LEU A 200 15.16 -12.86 4.90
CA LEU A 200 15.69 -12.30 6.14
C LEU A 200 14.65 -12.29 7.27
N GLY A 201 13.40 -12.64 7.00
CA GLY A 201 12.41 -12.75 8.06
C GLY A 201 11.58 -11.51 8.27
N TYR A 202 11.69 -10.52 7.41
CA TYR A 202 10.73 -9.44 7.47
C TYR A 202 9.33 -9.92 7.12
N GLU A 203 8.33 -9.33 7.77
CA GLU A 203 7.00 -9.33 7.17
CA GLU A 203 6.99 -9.31 7.18
C GLU A 203 7.08 -8.39 5.98
N THR A 204 6.73 -8.90 4.80
N THR A 204 6.83 -8.94 4.79
CA THR A 204 7.09 -8.26 3.55
CA THR A 204 7.10 -8.19 3.57
C THR A 204 5.84 -7.81 2.81
C THR A 204 5.81 -7.78 2.88
N GLY A 205 5.82 -6.54 2.40
CA GLY A 205 4.68 -5.97 1.70
C GLY A 205 5.02 -5.69 0.24
N ALA A 206 4.12 -6.07 -0.66
CA ALA A 206 4.21 -5.70 -2.06
C ALA A 206 2.96 -4.93 -2.45
N GLY A 207 2.57 -4.94 -3.71
CA GLY A 207 1.38 -4.20 -4.10
C GLY A 207 1.62 -3.35 -5.32
N SER A 208 0.58 -2.93 -5.97
CA SER A 208 0.74 -2.31 -7.28
C SER A 208 -0.13 -1.05 -7.35
N MET A 209 0.15 -0.25 -8.37
CA MET A 209 -0.70 0.88 -8.70
C MET A 209 -1.66 0.42 -9.78
N VAL A 210 -2.87 0.95 -9.74
CA VAL A 210 -3.91 0.61 -10.72
C VAL A 210 -4.14 1.80 -11.62
N GLY A 211 -4.12 1.57 -12.93
CA GLY A 211 -4.37 2.62 -13.90
C GLY A 211 -3.14 3.29 -14.45
N LEU A 212 -1.98 2.67 -14.29
CA LEU A 212 -0.76 3.23 -14.88
C LEU A 212 -0.91 3.27 -16.38
N PRO A 213 -0.26 4.22 -17.05
CA PRO A 213 -0.35 4.26 -18.51
C PRO A 213 0.27 3.02 -19.12
N GLY A 214 -0.40 2.46 -20.10
CA GLY A 214 0.05 1.22 -20.71
C GLY A 214 -0.36 -0.05 -19.97
N GLN A 215 -1.00 0.05 -18.81
CA GLN A 215 -1.39 -1.13 -18.07
C GLN A 215 -2.80 -1.55 -18.47
N THR A 216 -3.00 -2.85 -18.67
CA THR A 216 -4.29 -3.39 -19.07
C THR A 216 -4.89 -4.27 -17.97
N ILE A 217 -6.12 -4.71 -18.20
CA ILE A 217 -6.75 -5.64 -17.25
C ILE A 217 -5.91 -6.91 -17.14
N ASP A 218 -5.33 -7.37 -18.26
CA ASP A 218 -4.50 -8.57 -18.17
C ASP A 218 -3.31 -8.35 -17.24
N ASP A 219 -2.74 -7.14 -17.26
CA ASP A 219 -1.65 -6.82 -16.34
C ASP A 219 -2.13 -6.87 -14.88
N LEU A 220 -3.35 -6.41 -14.61
CA LEU A 220 -3.86 -6.42 -13.24
C LEU A 220 -4.06 -7.85 -12.77
N VAL A 221 -4.50 -8.74 -13.68
CA VAL A 221 -4.63 -10.14 -13.33
C VAL A 221 -3.25 -10.71 -12.98
N ASP A 222 -2.23 -10.33 -13.77
CA ASP A 222 -0.87 -10.74 -13.48
C ASP A 222 -0.41 -10.23 -12.12
N ASP A 223 -0.80 -9.00 -11.74
CA ASP A 223 -0.47 -8.51 -10.41
C ASP A 223 -1.11 -9.38 -9.34
N LEU A 224 -2.40 -9.69 -9.47
CA LEU A 224 -3.07 -10.53 -8.47
C LEU A 224 -2.41 -11.89 -8.34
N LEU A 225 -2.07 -12.52 -9.48
CA LEU A 225 -1.43 -13.84 -9.43
C LEU A 225 -0.02 -13.78 -8.86
N PHE A 226 0.70 -12.68 -9.10
CA PHE A 226 2.01 -12.49 -8.48
C PHE A 226 1.89 -12.40 -6.97
N LEU A 227 0.91 -11.64 -6.50
CA LEU A 227 0.71 -11.49 -5.04
C LEU A 227 0.35 -12.82 -4.42
N LYS A 228 -0.52 -13.58 -5.07
CA LYS A 228 -0.93 -14.89 -4.56
C LYS A 228 0.26 -15.85 -4.50
N GLU A 229 1.10 -15.87 -5.55
CA GLU A 229 2.24 -16.77 -5.63
C GLU A 229 3.18 -16.58 -4.45
N HIS A 230 3.40 -15.35 -4.02
CA HIS A 230 4.38 -15.08 -2.97
C HIS A 230 3.77 -14.92 -1.59
N ASP A 231 2.46 -14.99 -1.46
CA ASP A 231 1.84 -15.01 -0.12
C ASP A 231 2.33 -13.84 0.75
N PHE A 232 2.34 -12.63 0.18
CA PHE A 232 2.89 -11.50 0.91
C PHE A 232 2.10 -11.22 2.18
N ASP A 233 2.82 -10.77 3.19
CA ASP A 233 2.21 -10.43 4.47
C ASP A 233 1.35 -9.20 4.37
N MET A 234 1.76 -8.23 3.55
CA MET A 234 1.00 -7.01 3.36
CA MET A 234 1.00 -7.01 3.35
C MET A 234 0.89 -6.73 1.88
N VAL A 235 -0.22 -6.11 1.47
CA VAL A 235 -0.38 -5.70 0.08
C VAL A 235 -0.95 -4.29 0.04
N GLY A 236 -0.18 -3.35 -0.52
CA GLY A 236 -0.61 -1.96 -0.65
C GLY A 236 -1.02 -1.67 -2.08
N ILE A 237 -2.28 -1.34 -2.29
CA ILE A 237 -2.84 -1.07 -3.61
C ILE A 237 -3.47 0.31 -3.62
N GLY A 238 -3.24 1.07 -4.68
CA GLY A 238 -3.89 2.35 -4.82
C GLY A 238 -3.91 2.71 -6.29
N PRO A 239 -4.71 3.71 -6.61
CA PRO A 239 -4.75 4.20 -8.01
C PRO A 239 -3.52 5.03 -8.32
N PHE A 240 -3.12 4.99 -9.59
CA PHE A 240 -2.17 5.96 -10.09
C PHE A 240 -2.82 7.34 -10.16
N ILE A 241 -2.13 8.35 -9.60
CA ILE A 241 -2.64 9.72 -9.66
C ILE A 241 -1.60 10.60 -10.38
N PRO A 242 -1.88 11.11 -11.58
CA PRO A 242 -0.84 11.81 -12.34
C PRO A 242 -0.36 13.05 -11.60
N HIS A 243 0.94 13.26 -11.63
CA HIS A 243 1.54 14.43 -11.00
C HIS A 243 1.98 15.42 -12.07
N PRO A 244 1.63 16.71 -11.95
CA PRO A 244 1.88 17.67 -13.05
C PRO A 244 3.33 17.91 -13.38
N ASP A 245 4.25 17.61 -12.47
CA ASP A 245 5.67 17.86 -12.72
C ASP A 245 6.40 16.59 -13.08
N THR A 246 5.74 15.66 -13.75
CA THR A 246 6.32 14.41 -14.21
C THR A 246 5.94 14.18 -15.66
N PRO A 247 6.62 13.24 -16.34
CA PRO A 247 6.27 12.93 -17.71
C PRO A 247 4.89 12.37 -17.90
N LEU A 248 4.26 11.89 -16.84
CA LEU A 248 2.93 11.28 -16.93
C LEU A 248 1.82 12.26 -16.54
N ALA A 249 2.13 13.56 -16.53
CA ALA A 249 1.17 14.58 -16.09
C ALA A 249 -0.18 14.51 -16.79
N ASN A 250 -0.20 14.18 -18.08
CA ASN A 250 -1.42 14.25 -18.87
C ASN A 250 -2.07 12.88 -19.07
N GLU A 251 -1.60 11.85 -18.38
CA GLU A 251 -2.18 10.52 -18.54
C GLU A 251 -3.45 10.38 -17.69
N LYS A 252 -4.23 9.34 -17.99
CA LYS A 252 -5.45 9.08 -17.24
C LYS A 252 -5.14 8.74 -15.77
N LYS A 253 -5.99 9.24 -14.88
CA LYS A 253 -5.97 8.83 -13.48
C LYS A 253 -6.50 7.40 -13.34
N GLY A 254 -5.98 6.67 -12.35
CA GLY A 254 -6.52 5.34 -12.08
C GLY A 254 -7.97 5.39 -11.62
N ASP A 255 -8.69 4.34 -11.93
CA ASP A 255 -10.12 4.27 -11.62
C ASP A 255 -10.36 3.76 -10.19
N PHE A 256 -11.15 4.50 -9.44
CA PHE A 256 -11.40 4.11 -8.05
C PHE A 256 -12.09 2.75 -7.95
N THR A 257 -13.16 2.53 -8.73
CA THR A 257 -13.88 1.26 -8.61
C THR A 257 -12.99 0.07 -8.96
N LEU A 258 -12.21 0.18 -10.05
CA LEU A 258 -11.31 -0.89 -10.41
C LEU A 258 -10.29 -1.15 -9.32
N THR A 259 -9.76 -0.09 -8.72
CA THR A 259 -8.80 -0.26 -7.61
C THR A 259 -9.47 -0.96 -6.41
N LEU A 260 -10.71 -0.57 -6.10
CA LEU A 260 -11.45 -1.24 -5.01
CA LEU A 260 -11.43 -1.23 -5.01
C LEU A 260 -11.63 -2.71 -5.32
N LYS A 261 -11.91 -3.06 -6.58
CA LYS A 261 -12.02 -4.46 -6.93
C LYS A 261 -10.69 -5.19 -6.80
N MET A 262 -9.57 -4.51 -7.07
CA MET A 262 -8.27 -5.10 -6.80
C MET A 262 -8.05 -5.36 -5.31
N VAL A 263 -8.45 -4.43 -4.43
CA VAL A 263 -8.35 -4.67 -3.00
C VAL A 263 -9.22 -5.86 -2.62
N ALA A 264 -10.45 -5.87 -3.11
CA ALA A 264 -11.36 -6.97 -2.75
C ALA A 264 -10.81 -8.32 -3.20
N LEU A 265 -10.33 -8.41 -4.45
CA LEU A 265 -9.78 -9.68 -4.94
C LEU A 265 -8.51 -10.05 -4.19
N THR A 266 -7.67 -9.08 -3.82
CA THR A 266 -6.51 -9.40 -2.99
C THR A 266 -6.93 -10.02 -1.65
N ARG A 267 -7.95 -9.47 -1.00
CA ARG A 267 -8.41 -10.08 0.24
C ARG A 267 -8.93 -11.49 0.00
N ILE A 268 -9.70 -11.69 -1.07
CA ILE A 268 -10.20 -13.03 -1.35
C ILE A 268 -9.03 -14.00 -1.59
N LEU A 269 -8.01 -13.57 -2.32
CA LEU A 269 -6.90 -14.46 -2.65
C LEU A 269 -6.00 -14.72 -1.45
N LEU A 270 -5.87 -13.73 -0.54
CA LEU A 270 -4.91 -13.75 0.58
C LEU A 270 -5.68 -13.39 1.85
N PRO A 271 -6.48 -14.33 2.35
CA PRO A 271 -7.47 -14.00 3.38
C PRO A 271 -6.92 -13.47 4.69
N ASP A 272 -5.70 -13.83 5.09
CA ASP A 272 -5.21 -13.33 6.36
C ASP A 272 -4.09 -12.28 6.19
N SER A 273 -3.95 -11.72 4.99
CA SER A 273 -2.96 -10.66 4.75
CA SER A 273 -2.94 -10.68 4.82
C SER A 273 -3.39 -9.33 5.40
N ASN A 274 -2.43 -8.44 5.60
CA ASN A 274 -2.72 -7.09 6.03
C ASN A 274 -2.81 -6.19 4.81
N ILE A 275 -3.95 -5.54 4.66
CA ILE A 275 -4.25 -4.78 3.44
C ILE A 275 -4.65 -3.37 3.83
N PRO A 276 -3.86 -2.34 3.57
CA PRO A 276 -4.28 -0.98 3.95
C PRO A 276 -5.31 -0.40 3.01
N ALA A 277 -6.07 0.52 3.57
CA ALA A 277 -6.85 1.48 2.80
C ALA A 277 -5.90 2.65 2.59
N THR A 278 -5.32 2.75 1.40
CA THR A 278 -4.17 3.62 1.21
C THR A 278 -4.54 5.09 1.12
N THR A 279 -3.51 5.94 1.34
CA THR A 279 -3.64 7.40 1.20
CA THR A 279 -3.79 7.37 1.24
C THR A 279 -4.25 7.78 -0.15
N ALA A 280 -3.81 7.10 -1.22
CA ALA A 280 -4.29 7.46 -2.55
C ALA A 280 -5.79 7.17 -2.70
N MET A 281 -6.31 6.13 -2.02
CA MET A 281 -7.75 5.88 -2.07
C MET A 281 -8.54 7.00 -1.37
N GLY A 282 -7.99 7.56 -0.30
CA GLY A 282 -8.65 8.70 0.30
C GLY A 282 -8.47 10.00 -0.44
N THR A 283 -7.44 10.07 -1.29
CA THR A 283 -7.24 11.28 -2.08
C THR A 283 -8.21 11.32 -3.26
N ILE A 284 -8.46 10.18 -3.88
CA ILE A 284 -9.19 10.19 -5.13
C ILE A 284 -10.69 10.34 -4.92
N VAL A 285 -11.23 9.87 -3.80
CA VAL A 285 -12.66 9.94 -3.51
C VAL A 285 -12.82 10.38 -2.07
N PRO A 286 -13.69 11.35 -1.76
CA PRO A 286 -13.91 11.68 -0.34
C PRO A 286 -14.53 10.51 0.39
N GLY A 287 -13.88 10.08 1.46
CA GLY A 287 -14.31 8.87 2.12
C GLY A 287 -13.76 7.60 1.51
N GLY A 288 -12.80 7.72 0.60
CA GLY A 288 -12.31 6.55 -0.06
C GLY A 288 -11.67 5.53 0.85
N ARG A 289 -10.99 5.97 1.93
CA ARG A 289 -10.42 4.95 2.82
CA ARG A 289 -10.41 4.97 2.85
C ARG A 289 -11.50 4.21 3.60
N GLU A 290 -12.55 4.91 4.01
CA GLU A 290 -13.66 4.27 4.73
C GLU A 290 -14.32 3.24 3.86
N ILE A 291 -14.57 3.58 2.58
CA ILE A 291 -15.15 2.62 1.65
C ILE A 291 -14.23 1.40 1.52
N THR A 292 -12.92 1.65 1.37
CA THR A 292 -11.99 0.54 1.17
C THR A 292 -11.93 -0.37 2.38
N LEU A 293 -12.07 0.17 3.60
CA LEU A 293 -12.11 -0.67 4.80
C LEU A 293 -13.37 -1.53 4.85
N ARG A 294 -14.37 -1.21 4.04
CA ARG A 294 -15.57 -2.03 3.95
CA ARG A 294 -15.57 -2.04 3.95
C ARG A 294 -15.52 -3.03 2.80
N CYS A 295 -14.41 -3.08 2.05
CA CYS A 295 -14.28 -3.92 0.86
C CYS A 295 -13.04 -4.81 0.96
N GLY A 296 -12.57 -5.04 2.18
CA GLY A 296 -11.52 -6.00 2.40
C GLY A 296 -10.31 -5.48 3.14
N ALA A 297 -10.10 -4.16 3.24
CA ALA A 297 -8.92 -3.63 3.93
C ALA A 297 -9.09 -3.71 5.44
N ASN A 298 -7.95 -3.72 6.14
CA ASN A 298 -7.98 -3.83 7.61
C ASN A 298 -6.88 -3.00 8.26
N VAL A 299 -6.20 -2.12 7.54
CA VAL A 299 -5.10 -1.32 8.07
C VAL A 299 -5.29 0.11 7.57
N ILE A 300 -4.88 1.09 8.39
CA ILE A 300 -4.88 2.48 7.92
C ILE A 300 -3.58 3.09 8.37
N MET A 301 -3.04 4.00 7.55
CA MET A 301 -1.70 4.56 7.76
CA MET A 301 -1.71 4.57 7.76
C MET A 301 -1.81 6.08 7.81
N PRO A 302 -2.16 6.63 8.96
CA PRO A 302 -2.25 8.10 9.05
C PRO A 302 -0.89 8.74 8.84
N ASN A 303 -0.89 9.91 8.21
N ASN A 303 -0.89 9.86 8.16
CA ASN A 303 0.36 10.60 7.86
CA ASN A 303 0.34 10.57 7.92
C ASN A 303 0.83 11.41 9.06
C ASN A 303 0.75 11.27 9.20
N TRP A 304 1.99 11.03 9.61
CA TRP A 304 2.53 11.68 10.78
C TRP A 304 3.75 12.51 10.45
N THR A 305 3.96 12.85 9.21
CA THR A 305 5.08 13.72 8.88
C THR A 305 4.78 15.12 9.41
N PRO A 306 5.70 15.77 10.10
CA PRO A 306 5.37 17.07 10.68
C PRO A 306 5.48 18.19 9.66
N SER A 307 4.79 19.28 9.98
CA SER A 307 5.10 20.55 9.33
C SER A 307 6.53 20.92 9.68
N PRO A 308 7.27 21.55 8.77
CA PRO A 308 6.89 22.10 7.45
C PRO A 308 7.17 21.12 6.31
N TYR A 309 7.45 19.88 6.67
CA TYR A 309 7.86 18.91 5.66
C TYR A 309 6.70 18.22 5.00
N ARG A 310 5.57 18.05 5.68
CA ARG A 310 4.51 17.17 5.17
C ARG A 310 4.10 17.59 3.76
N GLN A 311 3.99 18.90 3.50
CA GLN A 311 3.49 19.33 2.22
C GLN A 311 4.49 19.10 1.13
N LEU A 312 5.74 18.79 1.47
CA LEU A 312 6.77 18.61 0.45
C LEU A 312 6.91 17.16 0.00
N TYR A 313 6.24 16.21 0.64
CA TYR A 313 6.34 14.82 0.22
C TYR A 313 5.25 14.55 -0.82
N GLN A 314 5.43 15.26 -1.93
CA GLN A 314 4.38 15.45 -2.95
C GLN A 314 4.43 14.35 -4.00
N LEU A 315 4.07 13.11 -3.58
CA LEU A 315 4.08 11.98 -4.52
CA LEU A 315 4.09 11.98 -4.52
C LEU A 315 3.13 12.23 -5.68
N TYR A 316 1.94 12.75 -5.36
CA TYR A 316 0.88 13.04 -6.32
C TYR A 316 0.05 14.18 -5.76
N PRO A 317 -0.68 14.89 -6.60
CA PRO A 317 -1.46 16.02 -6.10
C PRO A 317 -2.58 15.54 -5.21
N GLY A 318 -2.88 16.39 -4.21
CA GLY A 318 -3.96 16.10 -3.28
C GLY A 318 -3.57 15.20 -2.13
N LYS A 319 -2.32 14.71 -2.09
CA LYS A 319 -1.95 13.73 -1.08
C LYS A 319 -2.05 14.29 0.32
N ILE A 320 -1.67 15.55 0.49
CA ILE A 320 -1.49 16.17 1.78
C ILE A 320 -2.56 17.21 1.96
N SER A 321 -3.22 17.21 3.11
CA SER A 321 -4.06 18.33 3.50
C SER A 321 -3.33 19.14 4.55
N VAL A 322 -3.39 20.45 4.39
CA VAL A 322 -2.76 21.33 5.37
C VAL A 322 -3.79 22.14 6.17
N PHE A 323 -5.06 21.72 6.10
CA PHE A 323 -6.09 22.46 6.78
C PHE A 323 -6.11 22.22 8.28
N GLU A 324 -5.49 21.13 8.76
CA GLU A 324 -5.43 20.87 10.20
C GLU A 324 -4.00 20.75 10.69
N LYS A 325 -3.83 20.86 12.02
CA LYS A 325 -2.52 20.66 12.65
C LYS A 325 -1.97 19.28 12.34
N ASP A 326 -0.61 19.17 12.36
CA ASP A 326 0.06 17.94 11.96
C ASP A 326 -0.05 16.81 12.97
N THR A 327 -0.73 17.02 14.09
CA THR A 327 -1.03 15.93 15.01
C THR A 327 -2.45 15.44 14.90
N ALA A 328 -3.21 15.91 13.92
CA ALA A 328 -4.62 15.55 13.86
C ALA A 328 -4.85 14.15 13.32
N SER A 329 -3.91 13.53 12.60
CA SER A 329 -4.31 12.38 11.80
C SER A 329 -4.58 11.15 12.65
N ILE A 330 -3.81 10.93 13.71
CA ILE A 330 -4.04 9.73 14.52
C ILE A 330 -5.40 9.81 15.19
N PRO A 331 -5.75 10.89 15.90
CA PRO A 331 -7.12 10.97 16.45
C PRO A 331 -8.18 10.89 15.37
N SER A 332 -7.91 11.45 14.19
N SER A 332 -7.92 11.42 14.18
CA SER A 332 -8.89 11.40 13.12
CA SER A 332 -8.95 11.38 13.15
C SER A 332 -9.18 9.97 12.71
C SER A 332 -9.20 9.97 12.65
N VAL A 333 -8.14 9.16 12.51
CA VAL A 333 -8.38 7.78 12.09
C VAL A 333 -9.01 6.99 13.22
N MET A 334 -8.69 7.28 14.48
CA MET A 334 -9.38 6.59 15.56
CA MET A 334 -9.38 6.62 15.59
C MET A 334 -10.87 6.88 15.52
N LYS A 335 -11.25 8.13 15.24
CA LYS A 335 -12.66 8.48 15.12
C LYS A 335 -13.31 7.77 13.94
N MET A 336 -12.61 7.70 12.82
CA MET A 336 -13.09 7.00 11.64
CA MET A 336 -13.15 7.01 11.67
C MET A 336 -13.38 5.53 11.96
N ILE A 337 -12.43 4.89 12.64
CA ILE A 337 -12.57 3.47 12.95
C ILE A 337 -13.77 3.26 13.84
N GLU A 338 -13.96 4.14 14.83
CA GLU A 338 -15.12 4.04 15.70
CA GLU A 338 -15.11 4.06 15.70
C GLU A 338 -16.42 4.22 14.92
N LEU A 339 -16.47 5.19 14.01
CA LEU A 339 -17.69 5.43 13.24
C LEU A 339 -18.02 4.26 12.32
N LEU A 340 -17.02 3.52 11.87
CA LEU A 340 -17.24 2.34 11.05
C LEU A 340 -17.73 1.15 11.85
N GLY A 341 -17.78 1.28 13.18
CA GLY A 341 -18.10 0.15 14.01
C GLY A 341 -16.99 -0.85 14.18
N ARG A 342 -15.73 -0.47 13.89
CA ARG A 342 -14.54 -1.31 14.02
C ARG A 342 -13.81 -0.94 15.32
N LYS A 343 -12.69 -1.61 15.58
CA LYS A 343 -11.88 -1.42 16.80
C LYS A 343 -10.45 -1.10 16.40
N PRO A 344 -9.70 -0.23 17.12
CA PRO A 344 -8.27 -0.12 16.81
C PRO A 344 -7.55 -1.37 17.29
N GLY A 345 -6.42 -1.66 16.65
CA GLY A 345 -5.68 -2.87 16.99
C GLY A 345 -5.21 -2.85 18.44
N ARG A 346 -5.24 -4.03 19.06
CA ARG A 346 -4.85 -4.19 20.46
C ARG A 346 -3.41 -4.61 20.64
N ASP A 347 -2.77 -5.07 19.57
CA ASP A 347 -1.38 -5.52 19.60
C ASP A 347 -0.71 -4.87 18.39
N TRP A 348 0.42 -5.42 17.95
CA TRP A 348 1.09 -4.81 16.81
C TRP A 348 0.44 -5.12 15.46
N GLY A 349 -0.55 -6.02 15.42
CA GLY A 349 -1.22 -6.36 14.17
C GLY A 349 -0.29 -7.00 13.15
N GLY A 350 0.62 -7.86 13.60
CA GLY A 350 1.43 -8.61 12.66
C GLY A 350 0.59 -9.63 11.91
N ARG A 351 1.01 -9.98 10.69
CA ARG A 351 0.26 -10.95 9.90
C ARG A 351 0.32 -12.30 10.58
N LYS A 352 -0.85 -12.94 10.68
CA LYS A 352 -0.98 -14.28 11.26
C LYS A 352 -1.36 -15.28 10.17
N ARG A 353 -1.19 -16.56 10.47
CA ARG A 353 -1.56 -17.61 9.54
C ARG A 353 -2.73 -18.37 10.13
N VAL A 354 -3.95 -17.93 9.79
CA VAL A 354 -5.16 -18.56 10.29
C VAL A 354 -6.02 -19.15 9.19
N PHE A 355 -5.73 -18.84 7.94
CA PHE A 355 -6.43 -19.43 6.80
C PHE A 355 -5.68 -20.67 6.32
N GLU A 356 -6.40 -21.78 6.19
CA GLU A 356 -5.73 -22.99 5.70
C GLU A 356 -6.43 -23.63 4.51
#